data_4KSN
#
_entry.id   4KSN
#
_cell.length_a   90.240
_cell.length_b   57.928
_cell.length_c   81.448
_cell.angle_alpha   90.00
_cell.angle_beta   121.78
_cell.angle_gamma   90.00
#
_symmetry.space_group_name_H-M   'C 1 2 1'
#
loop_
_entity.id
_entity.type
_entity.pdbx_description
1 polymer SdbC
2 non-polymer 'UNKNOWN LIGAND'
3 water water
#
_entity_poly.entity_id   1
_entity_poly.type   'polypeptide(L)'
_entity_poly.pdbx_seq_one_letter_code
;GNSDGQLDTHLADLYLLKYDTGLGVYESFICKYLEDSNDYIASHPQKLSLDE(MSE)PRPLESETVSLRQLIVSVLPSRP
SI
;
_entity_poly.pdbx_strand_id   A,B,C,D
#
# COMPACT_ATOMS: atom_id res chain seq x y z
N ASP A 8 12.98 -4.90 -16.57
CA ASP A 8 12.39 -4.13 -15.43
C ASP A 8 11.19 -4.88 -14.82
N THR A 9 11.45 -5.59 -13.73
CA THR A 9 10.51 -6.60 -13.24
C THR A 9 9.26 -6.04 -12.52
N HIS A 10 8.12 -6.54 -12.97
CA HIS A 10 6.81 -6.10 -12.49
C HIS A 10 6.55 -6.65 -11.10
N LEU A 11 6.22 -5.77 -10.16
CA LEU A 11 6.03 -6.14 -8.76
CA LEU A 11 6.02 -6.13 -8.76
C LEU A 11 4.53 -6.21 -8.36
N ALA A 12 3.75 -5.21 -8.75
CA ALA A 12 2.34 -5.11 -8.32
C ALA A 12 1.56 -4.22 -9.27
N ASP A 13 0.25 -4.28 -9.20
CA ASP A 13 -0.61 -3.40 -9.96
C ASP A 13 -1.32 -2.53 -8.94
N LEU A 14 -1.68 -1.34 -9.37
CA LEU A 14 -2.53 -0.41 -8.61
C LEU A 14 -3.56 0.10 -9.59
N TYR A 15 -4.67 0.64 -9.08
CA TYR A 15 -5.74 1.07 -9.94
C TYR A 15 -6.17 2.48 -9.51
N LEU A 16 -6.35 3.35 -10.48
CA LEU A 16 -6.95 4.65 -10.29
C LEU A 16 -8.41 4.54 -10.64
N LEU A 17 -9.24 4.76 -9.65
CA LEU A 17 -10.65 4.51 -9.74
C LEU A 17 -11.32 5.87 -9.57
N LYS A 18 -12.29 6.12 -10.46
CA LYS A 18 -13.00 7.40 -10.42
C LYS A 18 -14.44 7.11 -10.73
N TYR A 19 -15.36 7.72 -10.00
CA TYR A 19 -16.78 7.42 -10.19
C TYR A 19 -17.65 8.66 -9.87
N ASP A 20 -18.68 8.83 -10.66
CA ASP A 20 -19.63 9.93 -10.45
C ASP A 20 -20.55 9.49 -9.30
N THR A 21 -20.69 10.37 -8.34
CA THR A 21 -21.52 10.10 -7.16
C THR A 21 -23.04 10.12 -7.49
N GLY A 22 -23.45 11.13 -8.23
CA GLY A 22 -24.88 11.35 -8.52
C GLY A 22 -25.31 12.67 -7.95
N LEU A 23 -24.33 13.39 -7.39
CA LEU A 23 -24.56 14.63 -6.70
C LEU A 23 -23.68 15.75 -7.26
N GLY A 24 -23.19 15.58 -8.49
CA GLY A 24 -22.39 16.64 -9.15
C GLY A 24 -20.91 16.65 -8.82
N VAL A 25 -20.43 15.57 -8.24
CA VAL A 25 -19.02 15.49 -7.98
C VAL A 25 -18.58 14.06 -8.26
N TYR A 26 -17.35 13.90 -8.74
CA TYR A 26 -16.75 12.54 -8.84
C TYR A 26 -15.68 12.35 -7.75
N GLU A 27 -15.47 11.07 -7.38
CA GLU A 27 -14.56 10.72 -6.31
C GLU A 27 -13.46 9.94 -6.94
N SER A 28 -12.26 10.11 -6.41
CA SER A 28 -11.07 9.49 -6.96
C SER A 28 -10.32 8.79 -5.87
N PHE A 29 -9.72 7.64 -6.22
CA PHE A 29 -9.05 6.80 -5.22
C PHE A 29 -7.89 6.14 -5.95
N ILE A 30 -6.81 5.91 -5.22
CA ILE A 30 -5.70 5.06 -5.71
C ILE A 30 -5.75 3.78 -4.87
N CYS A 31 -5.76 2.62 -5.56
CA CYS A 31 -6.33 1.41 -5.01
C CYS A 31 -5.42 0.20 -5.28
N LYS A 32 -5.39 -0.70 -4.32
CA LYS A 32 -4.89 -2.06 -4.47
C LYS A 32 -6.10 -3.00 -4.51
N TYR A 33 -6.18 -3.76 -5.58
CA TYR A 33 -7.18 -4.79 -5.75
C TYR A 33 -6.97 -5.97 -4.84
N LEU A 34 -8.05 -6.39 -4.17
CA LEU A 34 -7.94 -7.43 -3.21
C LEU A 34 -8.06 -8.73 -3.94
N GLU A 35 -6.95 -9.38 -4.19
CA GLU A 35 -7.02 -10.66 -4.89
C GLU A 35 -5.91 -11.56 -4.53
N ASP A 36 -5.83 -12.65 -5.30
CA ASP A 36 -4.57 -13.35 -5.55
C ASP A 36 -4.37 -14.31 -4.41
N SER A 37 -3.17 -14.33 -3.84
CA SER A 37 -2.64 -15.49 -3.16
C SER A 37 -2.51 -16.59 -4.22
N ASN A 38 -3.64 -16.95 -4.84
CA ASN A 38 -3.69 -17.98 -5.88
C ASN A 38 -3.43 -17.46 -7.30
N ASP A 39 -4.02 -16.31 -7.64
CA ASP A 39 -3.78 -15.63 -8.93
C ASP A 39 -4.24 -16.45 -10.15
N TYR A 40 -5.17 -17.37 -9.95
CA TYR A 40 -5.58 -18.30 -11.05
C TYR A 40 -6.20 -17.55 -12.26
N ILE A 41 -6.13 -18.17 -13.46
CA ILE A 41 -6.84 -17.65 -14.63
C ILE A 41 -8.31 -17.41 -14.25
N ALA A 42 -8.93 -16.42 -14.87
CA ALA A 42 -10.27 -15.98 -14.46
C ALA A 42 -11.25 -15.97 -15.63
N SER A 43 -12.48 -16.39 -15.34
CA SER A 43 -13.46 -16.59 -16.39
C SER A 43 -14.78 -16.00 -15.96
N HIS A 44 -15.76 -16.03 -16.84
CA HIS A 44 -17.05 -15.38 -16.48
C HIS A 44 -17.70 -16.02 -15.24
N PRO A 45 -18.14 -15.20 -14.27
CA PRO A 45 -18.76 -15.72 -13.09
C PRO A 45 -20.22 -16.27 -13.35
N GLN A 46 -20.80 -15.92 -14.48
CA GLN A 46 -22.21 -16.29 -14.78
C GLN A 46 -22.38 -17.08 -16.05
N LYS A 47 -21.29 -17.53 -16.69
CA LYS A 47 -21.40 -18.29 -17.92
C LYS A 47 -20.42 -19.45 -17.87
N LEU A 48 -20.73 -20.48 -18.63
CA LEU A 48 -19.94 -21.69 -18.65
C LEU A 48 -18.58 -21.52 -19.37
N SER A 49 -18.48 -20.57 -20.31
CA SER A 49 -17.31 -20.36 -21.14
C SER A 49 -16.05 -20.23 -20.24
N LEU A 50 -14.97 -20.80 -20.72
CA LEU A 50 -13.67 -20.60 -20.12
C LEU A 50 -12.92 -19.44 -20.75
N ASP A 51 -13.59 -18.62 -21.56
CA ASP A 51 -12.91 -17.48 -22.12
C ASP A 51 -12.41 -16.63 -20.99
N GLU A 52 -11.22 -16.13 -21.15
CA GLU A 52 -10.62 -15.33 -20.08
C GLU A 52 -11.34 -14.01 -19.84
N PRO A 54 -10.32 -11.16 -17.32
CA PRO A 54 -9.37 -10.74 -16.30
C PRO A 54 -10.03 -9.90 -15.19
N ARG A 55 -9.58 -10.10 -13.97
CA ARG A 55 -10.02 -9.33 -12.81
C ARG A 55 -9.04 -8.14 -12.54
N PRO A 56 -9.53 -7.03 -11.98
CA PRO A 56 -10.91 -6.85 -11.59
C PRO A 56 -11.77 -6.64 -12.80
N LEU A 57 -13.03 -7.07 -12.72
CA LEU A 57 -13.95 -6.81 -13.77
C LEU A 57 -14.26 -5.34 -13.65
N GLU A 58 -14.59 -4.71 -14.78
CA GLU A 58 -14.92 -3.30 -14.80
C GLU A 58 -16.43 -3.08 -14.67
N SER A 59 -16.80 -1.94 -14.12
CA SER A 59 -18.20 -1.52 -14.08
C SER A 59 -18.42 -0.41 -15.09
N GLU A 60 -19.66 -0.24 -15.49
CA GLU A 60 -20.03 0.83 -16.39
C GLU A 60 -20.04 2.16 -15.68
N THR A 61 -20.21 2.15 -14.35
CA THR A 61 -20.22 3.34 -13.55
C THR A 61 -18.88 3.67 -12.88
N VAL A 62 -17.83 2.89 -13.07
CA VAL A 62 -16.58 3.23 -12.41
C VAL A 62 -15.47 3.26 -13.43
N SER A 63 -14.72 4.35 -13.55
CA SER A 63 -13.57 4.42 -14.46
C SER A 63 -12.37 3.78 -13.75
N LEU A 64 -11.66 2.89 -14.43
CA LEU A 64 -10.51 2.23 -13.84
C LEU A 64 -9.37 2.34 -14.81
N ARG A 65 -8.22 2.80 -14.35
CA ARG A 65 -7.00 2.74 -15.11
C ARG A 65 -5.95 1.99 -14.26
N GLN A 66 -5.21 1.13 -14.89
CA GLN A 66 -4.24 0.29 -14.21
C GLN A 66 -2.87 0.91 -14.29
N LEU A 67 -2.17 0.88 -13.14
CA LEU A 67 -0.78 1.27 -13.07
C LEU A 67 0.04 0.07 -12.66
N ILE A 68 1.28 0.11 -13.01
CA ILE A 68 2.12 -0.95 -12.64
C ILE A 68 3.29 -0.38 -11.81
N VAL A 69 3.73 -1.21 -10.85
CA VAL A 69 4.79 -0.89 -9.93
C VAL A 69 5.89 -1.88 -10.27
N SER A 70 7.09 -1.37 -10.53
CA SER A 70 8.19 -2.22 -10.94
C SER A 70 9.43 -1.76 -10.22
N VAL A 71 10.46 -2.57 -10.27
CA VAL A 71 11.68 -2.22 -9.60
C VAL A 71 12.61 -1.58 -10.58
N LEU A 72 13.19 -0.46 -10.14
CA LEU A 72 14.24 0.24 -10.84
C LEU A 72 15.56 -0.53 -10.82
N GLY B 5 2.66 14.12 12.83
CA GLY B 5 1.63 14.82 12.01
C GLY B 5 1.57 14.26 10.60
N GLN B 6 2.75 14.01 10.02
CA GLN B 6 2.85 13.41 8.69
C GLN B 6 2.48 11.92 8.72
N LEU B 7 2.76 11.24 9.83
CA LEU B 7 2.32 9.86 9.93
C LEU B 7 0.81 9.85 9.90
N ASP B 8 0.20 10.71 10.71
CA ASP B 8 -1.26 10.77 10.82
C ASP B 8 -1.88 10.96 9.44
N THR B 9 -1.37 11.91 8.66
CA THR B 9 -1.88 12.15 7.33
C THR B 9 -1.71 10.96 6.41
N HIS B 10 -0.56 10.28 6.46
CA HIS B 10 -0.37 9.10 5.63
C HIS B 10 -1.34 7.99 5.96
N LEU B 11 -1.73 7.85 7.23
CA LEU B 11 -2.60 6.78 7.68
C LEU B 11 -4.08 7.18 7.61
N ALA B 12 -4.35 8.37 7.09
CA ALA B 12 -5.68 8.89 7.00
C ALA B 12 -6.27 8.61 5.62
N ASP B 13 -7.58 8.76 5.52
CA ASP B 13 -8.28 8.67 4.23
C ASP B 13 -8.11 7.33 3.50
N LEU B 14 -8.00 6.28 4.25
CA LEU B 14 -7.97 4.94 3.74
C LEU B 14 -9.33 4.25 3.83
N TYR B 15 -9.68 3.53 2.76
CA TYR B 15 -11.00 2.94 2.55
C TYR B 15 -10.93 1.55 1.94
N LEU B 16 -11.85 0.69 2.38
CA LEU B 16 -12.26 -0.46 1.61
C LEU B 16 -13.39 -0.06 0.68
N LEU B 17 -13.15 -0.19 -0.60
CA LEU B 17 -14.08 0.16 -1.64
C LEU B 17 -14.57 -1.11 -2.32
N LYS B 18 -15.88 -1.20 -2.49
CA LYS B 18 -16.45 -2.37 -3.13
C LYS B 18 -17.47 -1.89 -4.18
N TYR B 19 -17.37 -2.41 -5.41
CA TYR B 19 -18.31 -2.03 -6.44
C TYR B 19 -18.97 -3.19 -7.10
N ASP B 20 -20.20 -2.90 -7.55
CA ASP B 20 -21.00 -3.87 -8.31
C ASP B 20 -20.58 -3.85 -9.77
N THR B 21 -20.14 -5.01 -10.24
CA THR B 21 -19.61 -5.18 -11.58
C THR B 21 -20.74 -5.23 -12.61
N GLY B 22 -21.99 -5.44 -12.17
CA GLY B 22 -23.07 -5.73 -13.12
C GLY B 22 -23.11 -7.16 -13.58
N LEU B 23 -22.09 -7.96 -13.24
CA LEU B 23 -22.04 -9.38 -13.58
C LEU B 23 -22.23 -10.26 -12.36
N GLY B 24 -22.97 -9.77 -11.38
CA GLY B 24 -23.36 -10.58 -10.21
C GLY B 24 -22.29 -10.79 -9.16
N VAL B 25 -21.15 -10.10 -9.33
CA VAL B 25 -20.10 -10.12 -8.32
C VAL B 25 -19.64 -8.69 -8.01
N TYR B 26 -19.10 -8.53 -6.82
CA TYR B 26 -18.51 -7.28 -6.40
C TYR B 26 -16.99 -7.35 -6.61
N GLU B 27 -16.36 -6.21 -6.85
CA GLU B 27 -14.88 -6.14 -6.73
C GLU B 27 -14.53 -5.19 -5.59
N SER B 28 -13.52 -5.61 -4.82
CA SER B 28 -13.08 -4.92 -3.63
C SER B 28 -11.60 -4.53 -3.72
N PHE B 29 -11.30 -3.40 -3.06
CA PHE B 29 -10.02 -2.70 -3.13
C PHE B 29 -9.71 -2.06 -1.79
N ILE B 30 -8.42 -1.96 -1.48
CA ILE B 30 -7.95 -1.12 -0.37
CA ILE B 30 -8.01 -1.10 -0.37
C ILE B 30 -7.38 0.15 -1.01
N CYS B 31 -7.80 1.32 -0.53
CA CYS B 31 -7.59 2.51 -1.28
C CYS B 31 -7.23 3.71 -0.39
N LYS B 32 -6.58 4.65 -1.02
CA LYS B 32 -6.41 6.02 -0.54
C LYS B 32 -7.32 6.93 -1.33
N TYR B 33 -8.16 7.64 -0.63
CA TYR B 33 -8.99 8.66 -1.19
C TYR B 33 -8.11 9.83 -1.58
N LEU B 34 -8.30 10.32 -2.80
CA LEU B 34 -7.54 11.46 -3.31
C LEU B 34 -8.37 12.71 -3.04
N GLU B 35 -8.20 13.28 -1.86
CA GLU B 35 -9.06 14.40 -1.38
C GLU B 35 -8.68 15.73 -2.04
N PRO B 54 -20.45 14.87 3.70
CA PRO B 54 -19.28 14.18 4.19
C PRO B 54 -18.63 13.37 3.06
N ARG B 55 -17.38 13.67 2.70
CA ARG B 55 -16.76 12.97 1.58
C ARG B 55 -15.69 12.04 2.00
N PRO B 56 -15.48 10.96 1.22
CA PRO B 56 -16.07 10.57 -0.06
C PRO B 56 -17.51 10.09 0.04
N LEU B 57 -18.27 10.36 -1.01
CA LEU B 57 -19.64 9.87 -1.16
C LEU B 57 -19.64 8.50 -1.84
N GLU B 58 -20.58 7.66 -1.44
CA GLU B 58 -20.91 6.46 -2.18
C GLU B 58 -21.72 6.81 -3.42
N SER B 59 -21.93 5.83 -4.26
CA SER B 59 -22.86 5.87 -5.35
C SER B 59 -23.75 4.67 -5.21
N GLU B 60 -24.64 4.46 -6.19
CA GLU B 60 -25.56 3.30 -6.16
CA GLU B 60 -25.57 3.33 -6.21
C GLU B 60 -24.82 1.98 -6.23
N THR B 61 -23.69 1.97 -6.92
CA THR B 61 -22.96 0.73 -7.15
C THR B 61 -21.64 0.63 -6.36
N VAL B 62 -21.24 1.70 -5.70
CA VAL B 62 -19.95 1.77 -4.96
C VAL B 62 -20.20 1.98 -3.49
N SER B 63 -19.67 1.07 -2.66
CA SER B 63 -19.82 1.15 -1.25
C SER B 63 -18.46 1.33 -0.58
N LEU B 64 -18.46 2.05 0.52
CA LEU B 64 -17.21 2.43 1.20
C LEU B 64 -17.22 2.09 2.67
N ARG B 65 -16.07 1.61 3.15
CA ARG B 65 -15.87 1.40 4.57
C ARG B 65 -14.56 2.03 5.00
N GLN B 66 -14.59 2.85 6.05
CA GLN B 66 -13.37 3.53 6.48
C GLN B 66 -12.41 2.55 7.17
N LEU B 67 -11.13 2.70 6.90
CA LEU B 67 -10.10 1.90 7.59
C LEU B 67 -9.46 2.83 8.59
N ILE B 68 -9.21 2.30 9.76
CA ILE B 68 -8.53 3.03 10.79
C ILE B 68 -7.28 2.30 11.18
N VAL B 69 -6.20 3.04 11.29
CA VAL B 69 -4.89 2.42 11.63
C VAL B 69 -4.42 2.80 13.03
N SER B 70 -4.18 1.82 13.88
CA SER B 70 -3.64 2.01 15.18
C SER B 70 -2.16 1.65 15.11
N VAL B 71 -1.31 2.46 15.72
CA VAL B 71 0.13 2.12 15.82
C VAL B 71 0.37 1.59 17.18
N LEU B 72 0.71 0.31 17.25
CA LEU B 72 0.91 -0.31 18.53
C LEU B 72 2.21 0.26 19.10
N PRO B 73 2.18 0.75 20.36
CA PRO B 73 3.37 1.36 20.95
C PRO B 73 4.45 0.32 21.20
N SER B 74 5.70 0.76 21.10
CA SER B 74 6.86 -0.07 21.45
C SER B 74 7.80 0.67 22.40
N GLY C 5 -3.40 14.84 -1.05
CA GLY C 5 -4.67 14.38 -1.71
C GLY C 5 -4.61 14.37 -3.24
N GLN C 6 -3.39 14.24 -3.79
CA GLN C 6 -3.17 14.07 -5.25
C GLN C 6 -2.17 12.95 -5.56
N LEU C 7 -2.21 12.45 -6.79
CA LEU C 7 -1.59 11.17 -7.13
C LEU C 7 -0.07 11.12 -6.88
N ASP C 8 0.62 12.15 -7.30
CA ASP C 8 2.08 12.19 -7.21
C ASP C 8 2.64 12.22 -5.80
N THR C 9 1.91 12.75 -4.82
CA THR C 9 2.39 12.74 -3.44
C THR C 9 2.25 11.35 -2.78
N HIS C 10 1.18 10.65 -3.11
CA HIS C 10 0.92 9.35 -2.54
C HIS C 10 1.85 8.30 -3.13
N LEU C 11 2.13 8.40 -4.42
CA LEU C 11 2.92 7.39 -5.12
C LEU C 11 4.40 7.69 -5.24
N ALA C 12 4.86 8.80 -4.69
CA ALA C 12 6.29 9.07 -4.72
C ALA C 12 7.03 8.26 -3.64
N ASP C 13 8.31 8.02 -3.84
CA ASP C 13 9.20 7.53 -2.78
C ASP C 13 8.72 6.15 -2.28
N LEU C 14 8.48 5.25 -3.23
CA LEU C 14 8.23 3.86 -2.90
C LEU C 14 9.51 3.07 -3.07
N TYR C 15 9.72 2.14 -2.14
CA TYR C 15 10.96 1.37 -2.05
C TYR C 15 10.79 -0.08 -1.67
N LEU C 16 11.67 -0.91 -2.20
CA LEU C 16 11.98 -2.17 -1.52
C LEU C 16 13.09 -1.85 -0.51
N LEU C 17 13.01 -2.50 0.64
CA LEU C 17 13.90 -2.30 1.75
C LEU C 17 14.30 -3.66 2.30
N LYS C 18 15.59 -3.84 2.56
CA LYS C 18 16.10 -5.13 3.07
C LYS C 18 17.11 -4.75 4.12
N TYR C 19 17.11 -5.47 5.25
CA TYR C 19 18.14 -5.27 6.26
C TYR C 19 18.64 -6.54 6.92
N ASP C 20 19.87 -6.45 7.37
CA ASP C 20 20.50 -7.51 8.15
C ASP C 20 20.08 -7.46 9.60
N THR C 21 19.39 -8.53 10.02
CA THR C 21 18.96 -8.63 11.41
C THR C 21 20.15 -8.82 12.40
N GLY C 22 21.33 -9.13 11.90
CA GLY C 22 22.45 -9.55 12.73
C GLY C 22 22.33 -10.94 13.30
N LEU C 23 21.31 -11.69 12.91
CA LEU C 23 21.04 -13.02 13.44
C LEU C 23 20.98 -14.08 12.36
N GLY C 24 21.63 -13.81 11.23
CA GLY C 24 21.73 -14.77 10.13
C GLY C 24 20.66 -14.75 9.06
N VAL C 25 19.68 -13.82 9.17
CA VAL C 25 18.67 -13.69 8.16
C VAL C 25 18.47 -12.18 7.89
N TYR C 26 17.96 -11.90 6.71
CA TYR C 26 17.60 -10.52 6.24
C TYR C 26 16.11 -10.40 6.19
N GLU C 27 15.57 -9.19 6.47
CA GLU C 27 14.18 -8.91 6.41
C GLU C 27 13.92 -7.97 5.25
N SER C 28 12.87 -8.26 4.47
CA SER C 28 12.50 -7.42 3.35
C SER C 28 11.09 -6.90 3.50
N PHE C 29 10.90 -5.72 2.90
CA PHE C 29 9.63 -4.97 3.02
C PHE C 29 9.42 -4.20 1.72
N ILE C 30 8.15 -3.96 1.38
CA ILE C 30 7.83 -3.00 0.37
CA ILE C 30 7.76 -3.00 0.36
C ILE C 30 7.22 -1.78 1.11
N CYS C 31 7.67 -0.59 0.77
CA CYS C 31 7.53 0.55 1.65
C CYS C 31 7.24 1.85 0.94
N LYS C 32 6.69 2.76 1.73
CA LYS C 32 6.54 4.19 1.36
C LYS C 32 7.41 5.00 2.35
N TYR C 33 8.31 5.80 1.82
CA TYR C 33 9.20 6.62 2.66
C TYR C 33 8.41 7.81 3.22
N LEU C 34 8.62 8.12 4.49
CA LEU C 34 8.06 9.29 5.12
C LEU C 34 9.09 10.39 5.13
N GLU C 35 8.96 11.27 4.17
CA GLU C 35 9.87 12.40 4.02
C GLU C 35 9.83 13.25 5.28
N ASP C 36 11.00 13.62 5.79
CA ASP C 36 11.11 14.50 6.97
C ASP C 36 10.70 15.94 6.56
N SER C 37 9.83 16.57 7.37
CA SER C 37 9.34 17.94 7.09
C SER C 37 10.48 18.97 6.95
N ASN C 38 11.41 18.91 7.89
CA ASN C 38 12.59 19.77 7.89
C ASN C 38 13.83 18.94 7.60
N ASP C 39 14.83 19.61 7.06
CA ASP C 39 16.08 18.95 6.74
C ASP C 39 16.98 18.96 7.99
N TYR C 40 17.35 17.78 8.52
CA TYR C 40 18.15 17.76 9.77
C TYR C 40 19.51 18.48 9.69
N ILE C 41 20.03 18.67 8.46
CA ILE C 41 21.30 19.37 8.22
C ILE C 41 21.08 20.84 7.81
N ALA C 42 19.81 21.24 7.67
CA ALA C 42 19.45 22.59 7.17
C ALA C 42 20.40 23.67 7.67
N SER C 43 20.72 23.62 8.96
CA SER C 43 21.54 24.65 9.59
C SER C 43 22.93 24.14 10.07
N HIS C 44 23.40 23.01 9.55
CA HIS C 44 24.76 22.53 9.89
C HIS C 44 25.84 23.40 9.20
N PRO C 45 26.90 23.84 9.94
CA PRO C 45 27.85 24.75 9.28
C PRO C 45 28.64 24.17 8.08
N GLN C 46 28.69 22.83 7.97
CA GLN C 46 29.26 22.12 6.81
C GLN C 46 28.23 21.73 5.71
N LYS C 47 27.19 22.53 5.51
CA LYS C 47 26.33 22.47 4.30
C LYS C 47 26.83 23.46 3.24
N PRO C 54 21.45 12.44 -1.06
CA PRO C 54 20.03 12.16 -1.29
C PRO C 54 19.40 11.57 -0.03
N ARG C 55 18.09 11.71 0.09
CA ARG C 55 17.32 11.04 1.13
C ARG C 55 16.29 10.25 0.36
N PRO C 56 15.91 9.05 0.85
CA PRO C 56 16.40 8.41 2.09
C PRO C 56 17.84 7.95 1.98
N LEU C 57 18.57 7.97 3.08
CA LEU C 57 19.92 7.41 3.15
C LEU C 57 19.80 5.94 3.51
N GLU C 58 20.63 5.10 2.88
CA GLU C 58 20.82 3.73 3.34
C GLU C 58 21.74 3.72 4.61
N SER C 59 22.05 2.54 5.11
CA SER C 59 22.97 2.36 6.22
C SER C 59 23.83 1.16 5.93
N GLU C 60 24.79 0.92 6.81
CA GLU C 60 25.63 -0.27 6.65
C GLU C 60 24.82 -1.57 6.58
N THR C 61 23.72 -1.64 7.28
CA THR C 61 22.89 -2.85 7.34
C THR C 61 21.55 -2.76 6.63
N VAL C 62 21.28 -1.67 5.93
CA VAL C 62 19.95 -1.50 5.25
C VAL C 62 20.22 -1.14 3.81
N SER C 63 19.57 -1.84 2.87
CA SER C 63 19.68 -1.48 1.45
C SER C 63 18.28 -1.14 0.94
N LEU C 64 18.26 -0.26 -0.05
CA LEU C 64 17.04 0.29 -0.62
C LEU C 64 17.08 0.11 -2.14
N ARG C 65 15.94 -0.19 -2.73
CA ARG C 65 15.84 -0.12 -4.16
C ARG C 65 14.53 0.59 -4.49
N GLN C 66 14.60 1.69 -5.22
CA GLN C 66 13.40 2.47 -5.47
C GLN C 66 12.51 1.80 -6.50
N LEU C 67 11.22 2.00 -6.34
CA LEU C 67 10.23 1.47 -7.25
C LEU C 67 9.74 2.52 -8.18
N ILE C 68 9.27 2.08 -9.34
CA ILE C 68 8.77 2.98 -10.35
CA ILE C 68 8.75 3.01 -10.34
C ILE C 68 7.31 2.67 -10.69
N VAL C 69 6.49 3.70 -10.77
CA VAL C 69 5.09 3.57 -11.10
C VAL C 69 4.90 4.06 -12.50
N SER C 70 4.23 3.26 -13.34
CA SER C 70 3.97 3.68 -14.66
C SER C 70 2.60 3.21 -15.10
N VAL C 71 2.17 3.66 -16.25
CA VAL C 71 0.81 3.33 -16.73
C VAL C 71 0.91 2.04 -17.50
N LEU C 72 -0.12 1.20 -17.40
CA LEU C 72 -0.20 0.00 -18.23
C LEU C 72 -0.23 0.37 -19.74
N PRO C 73 0.85 0.00 -20.51
CA PRO C 73 1.00 0.48 -21.91
C PRO C 73 -0.16 0.21 -22.90
N GLY D 5 -10.66 -12.33 4.64
CA GLY D 5 -9.82 -13.44 4.07
C GLY D 5 -8.70 -12.86 3.22
N GLN D 6 -9.07 -12.41 2.01
CA GLN D 6 -8.19 -11.54 1.21
C GLN D 6 -7.88 -10.26 1.98
N LEU D 7 -8.92 -9.74 2.64
CA LEU D 7 -8.74 -8.52 3.41
C LEU D 7 -7.76 -8.74 4.55
N ASP D 8 -8.00 -9.77 5.36
CA ASP D 8 -7.11 -10.04 6.48
C ASP D 8 -5.67 -10.25 6.06
N THR D 9 -5.47 -10.96 4.96
CA THR D 9 -4.14 -11.14 4.42
C THR D 9 -3.50 -9.84 4.04
N HIS D 10 -4.22 -9.01 3.26
CA HIS D 10 -3.69 -7.69 2.90
C HIS D 10 -3.36 -6.82 4.10
N LEU D 11 -4.20 -6.85 5.13
CA LEU D 11 -3.98 -5.96 6.28
C LEU D 11 -2.93 -6.51 7.32
N ALA D 12 -2.45 -7.72 7.10
CA ALA D 12 -1.46 -8.38 8.00
C ALA D 12 -0.07 -7.87 7.69
N ASP D 13 0.78 -7.88 8.70
CA ASP D 13 2.22 -7.60 8.54
C ASP D 13 2.55 -6.26 7.98
N LEU D 14 1.79 -5.23 8.45
CA LEU D 14 2.07 -3.88 8.15
C LEU D 14 2.86 -3.28 9.34
N TYR D 15 3.85 -2.46 9.05
CA TYR D 15 4.76 -1.92 10.04
C TYR D 15 5.19 -0.51 9.78
N LEU D 16 5.41 0.24 10.85
CA LEU D 16 6.17 1.47 10.80
C LEU D 16 7.63 1.08 11.14
N LEU D 17 8.52 1.37 10.21
CA LEU D 17 9.94 0.93 10.31
C LEU D 17 10.81 2.16 10.34
N LYS D 18 11.73 2.18 11.29
CA LYS D 18 12.58 3.30 11.47
C LYS D 18 13.98 2.80 11.67
N TYR D 19 14.93 3.33 10.91
CA TYR D 19 16.32 2.92 11.14
C TYR D 19 17.31 4.08 11.25
N ASP D 20 18.34 3.82 12.07
CA ASP D 20 19.51 4.67 12.19
C ASP D 20 20.44 4.57 10.96
N THR D 21 20.51 5.66 10.22
CA THR D 21 21.37 5.77 9.04
C THR D 21 22.87 5.78 9.37
N GLY D 22 23.21 6.08 10.61
CA GLY D 22 24.63 6.23 11.00
C GLY D 22 25.18 7.62 10.69
N LEU D 23 24.32 8.50 10.18
CA LEU D 23 24.71 9.84 9.79
C LEU D 23 23.91 10.86 10.55
N GLY D 24 23.44 10.49 11.74
CA GLY D 24 22.76 11.47 12.63
C GLY D 24 21.27 11.67 12.41
N VAL D 25 20.70 10.86 11.54
CA VAL D 25 19.29 10.94 11.29
C VAL D 25 18.77 9.52 11.13
N TYR D 26 17.47 9.38 11.38
CA TYR D 26 16.80 8.12 11.25
C TYR D 26 15.79 8.29 10.11
N GLU D 27 15.60 7.24 9.33
CA GLU D 27 14.69 7.25 8.24
C GLU D 27 13.50 6.40 8.65
N SER D 28 12.28 6.88 8.31
CA SER D 28 11.04 6.17 8.64
C SER D 28 10.24 5.85 7.37
N PHE D 29 9.61 4.67 7.39
CA PHE D 29 8.87 4.08 6.28
C PHE D 29 7.60 3.46 6.84
N ILE D 30 6.52 3.52 6.04
CA ILE D 30 5.41 2.63 6.33
CA ILE D 30 5.34 2.69 6.25
C ILE D 30 5.47 1.49 5.33
N CYS D 31 5.32 0.30 5.87
CA CYS D 31 5.76 -0.93 5.16
C CYS D 31 4.81 -2.08 5.20
N LYS D 32 4.87 -2.92 4.18
CA LYS D 32 4.36 -4.23 4.21
C LYS D 32 5.58 -5.19 4.34
N TYR D 33 5.56 -6.01 5.37
CA TYR D 33 6.56 -7.08 5.49
C TYR D 33 6.36 -8.17 4.48
N LEU D 34 7.45 -8.57 3.84
CA LEU D 34 7.45 -9.69 2.94
C LEU D 34 7.91 -10.96 3.68
N GLU D 35 6.98 -11.83 3.95
CA GLU D 35 7.21 -13.09 4.66
C GLU D 35 8.35 -13.85 4.03
N ASP D 36 9.26 -14.32 4.85
CA ASP D 36 10.47 -15.00 4.34
C ASP D 36 10.10 -16.48 4.03
N SER D 37 10.14 -16.87 2.78
CA SER D 37 9.79 -18.23 2.42
C SER D 37 11.02 -19.11 2.28
N ASN D 38 12.21 -18.63 2.60
CA ASN D 38 13.41 -19.49 2.48
C ASN D 38 13.34 -20.64 3.49
N ASP D 39 13.83 -21.81 3.09
CA ASP D 39 13.93 -23.00 3.90
C ASP D 39 15.44 -23.10 4.25
N TYR D 40 15.85 -22.54 5.38
CA TYR D 40 17.26 -22.41 5.72
C TYR D 40 17.77 -23.80 6.12
N ILE D 41 19.00 -24.12 5.72
CA ILE D 41 19.70 -25.34 6.11
C ILE D 41 20.30 -25.29 7.55
N GLU D 52 14.65 -20.96 12.88
CA GLU D 52 13.22 -20.88 13.16
C GLU D 52 12.92 -19.90 14.31
N PRO D 54 11.10 -16.00 15.61
CA PRO D 54 9.87 -15.20 15.39
C PRO D 54 10.09 -13.93 14.56
N ARG D 55 9.16 -13.60 13.65
CA ARG D 55 9.51 -12.64 12.61
C ARG D 55 8.41 -11.70 12.24
N PRO D 56 8.79 -10.54 11.75
CA PRO D 56 10.13 -9.99 11.49
C PRO D 56 10.92 -9.67 12.75
N LEU D 57 12.24 -9.78 12.66
CA LEU D 57 13.14 -9.40 13.74
C LEU D 57 13.65 -7.97 13.57
N GLU D 58 13.66 -7.24 14.66
CA GLU D 58 14.37 -5.98 14.73
C GLU D 58 15.87 -6.25 14.71
N SER D 59 16.64 -5.20 14.55
CA SER D 59 18.07 -5.30 14.61
C SER D 59 18.53 -4.22 15.61
N GLU D 60 19.84 -4.07 15.81
CA GLU D 60 20.37 -2.96 16.62
C GLU D 60 20.00 -1.56 16.12
N THR D 61 19.78 -1.42 14.81
CA THR D 61 19.60 -0.12 14.19
C THR D 61 18.22 0.06 13.58
N VAL D 62 17.43 -1.01 13.54
CA VAL D 62 16.07 -0.96 12.89
C VAL D 62 15.07 -1.27 13.95
N SER D 63 14.07 -0.39 14.11
CA SER D 63 13.02 -0.67 15.05
C SER D 63 11.68 -0.75 14.25
N LEU D 64 10.78 -1.58 14.76
CA LEU D 64 9.47 -1.83 14.11
C LEU D 64 8.32 -1.59 15.06
N ARG D 65 7.27 -0.97 14.55
CA ARG D 65 5.98 -0.86 15.28
C ARG D 65 4.92 -1.37 14.37
N GLN D 66 4.05 -2.25 14.89
CA GLN D 66 2.95 -2.82 14.12
C GLN D 66 1.86 -1.79 13.83
N LEU D 67 1.40 -1.78 12.59
CA LEU D 67 0.27 -0.98 12.16
C LEU D 67 -0.94 -1.92 12.12
N ILE D 68 -1.94 -1.66 12.95
CA ILE D 68 -3.08 -2.56 13.09
CA ILE D 68 -3.07 -2.58 13.07
C ILE D 68 -4.27 -1.89 12.46
N VAL D 69 -4.89 -2.55 11.48
CA VAL D 69 -5.98 -1.90 10.75
C VAL D 69 -7.35 -2.49 11.12
N SER D 70 -8.29 -1.62 11.46
CA SER D 70 -9.65 -2.05 11.74
C SER D 70 -10.57 -1.47 10.67
N VAL D 71 -11.70 -2.11 10.42
CA VAL D 71 -12.58 -1.76 9.35
C VAL D 71 -13.89 -1.36 10.01
N LEU D 72 -14.37 -0.18 9.66
CA LEU D 72 -15.64 0.35 10.21
CA LEU D 72 -15.64 0.34 10.22
C LEU D 72 -16.81 -0.25 9.46
N PRO D 73 -17.97 -0.23 10.07
CA PRO D 73 -19.05 -0.83 9.31
C PRO D 73 -19.42 0.02 8.10
N SER D 74 -20.07 -0.55 7.10
CA SER D 74 -20.48 0.29 5.97
C SER D 74 -21.58 1.22 6.47
N ARG D 75 -21.57 2.48 6.02
CA ARG D 75 -22.60 3.40 6.45
C ARG D 75 -23.96 3.05 5.83
N PRO D 76 -25.03 3.65 6.39
CA PRO D 76 -26.38 3.55 5.83
C PRO D 76 -26.45 4.01 4.37
#